data_2RKG
#
_entry.id   2RKG
#
_cell.length_a   62.010
_cell.length_b   62.010
_cell.length_c   83.942
_cell.angle_alpha   90.00
_cell.angle_beta   90.00
_cell.angle_gamma   120.00
#
_symmetry.space_group_name_H-M   'P 61'
#
loop_
_entity.id
_entity.type
_entity.pdbx_description
1 polymer 'PROTEASE RETROPEPSIN'
2 non-polymer GLYCEROL
3 non-polymer N-{1-BENZYL-4-[2-(2,6-DIMETHYL-PHENOXY)-ACETYLAMINO]-3-HYDROXY-5-PHENYL-PENTYL}-3-METHYL-2-(2-OXO-TETRAHYDRO-PYRIMIDIN-1-YL)-BUTYRAMIDE
4 water water
#
_entity_poly.entity_id   1
_entity_poly.type   'polypeptide(L)'
_entity_poly.pdbx_seq_one_letter_code
;PQITLWQRPFVTVKIAGQLMEALLDTGADDTILEEEMSLPGRWTPKVVGGIGGFMKVRQYDQILVEICGHKVIGTVLVGP
TPANIIGRNLLTQIGCTLNF
;
_entity_poly.pdbx_strand_id   A,B
#
loop_
_chem_comp.id
_chem_comp.type
_chem_comp.name
_chem_comp.formula
AB1 non-polymer N-{1-BENZYL-4-[2-(2,6-DIMETHYL-PHENOXY)-ACETYLAMINO]-3-HYDROXY-5-PHENYL-PENTYL}-3-METHYL-2-(2-OXO-TETRAHYDRO-PYRIMIDIN-1-YL)-BUTYRAMIDE 'C37 H48 N4 O5'
GOL non-polymer GLYCEROL 'C3 H8 O3'
#
# COMPACT_ATOMS: atom_id res chain seq x y z
N PRO A 1 -6.15 15.90 9.13
CA PRO A 1 -7.33 15.55 8.34
C PRO A 1 -7.73 14.07 8.46
N GLN A 2 -8.98 13.80 8.10
CA GLN A 2 -9.44 12.45 7.87
C GLN A 2 -9.65 12.35 6.37
N ILE A 3 -9.15 11.26 5.79
CA ILE A 3 -9.13 11.03 4.33
C ILE A 3 -9.90 9.75 3.96
N THR A 4 -10.94 9.84 3.12
CA THR A 4 -11.58 8.58 2.67
C THR A 4 -10.80 8.01 1.47
N LEU A 5 -11.15 6.80 1.03
CA LEU A 5 -10.31 6.08 0.08
C LEU A 5 -11.01 5.78 -1.27
N TRP A 6 -12.00 6.60 -1.61
CA TRP A 6 -12.64 6.45 -2.92
C TRP A 6 -11.67 6.81 -4.04
N GLN A 7 -10.66 7.63 -3.73
CA GLN A 7 -9.60 7.98 -4.68
C GLN A 7 -8.25 7.64 -4.06
N ARG A 8 -7.21 7.54 -4.89
CA ARG A 8 -5.87 7.27 -4.35
C ARG A 8 -5.46 8.38 -3.40
N PRO A 9 -4.94 8.02 -2.22
CA PRO A 9 -4.59 9.00 -1.18
C PRO A 9 -3.26 9.71 -1.41
N PHE A 10 -3.24 10.60 -2.41
CA PHE A 10 -2.08 11.45 -2.65
C PHE A 10 -2.04 12.69 -1.77
N VAL A 11 -0.83 13.04 -1.34
CA VAL A 11 -0.59 14.30 -0.62
C VAL A 11 0.64 14.99 -1.20
N THR A 12 0.75 16.30 -0.94
CA THR A 12 1.88 17.05 -1.47
C THR A 12 2.98 16.99 -0.43
N VAL A 13 4.21 16.75 -0.87
CA VAL A 13 5.36 16.69 0.02
C VAL A 13 6.47 17.56 -0.55
N LYS A 14 7.30 18.08 0.35
CA LYS A 14 8.44 18.87 -0.05
C LYS A 14 9.67 18.25 0.55
N ILE A 15 10.63 17.93 -0.31
CA ILE A 15 11.84 17.22 0.08
C ILE A 15 12.99 17.84 -0.69
N ALA A 16 13.97 18.35 0.05
CA ALA A 16 15.19 18.91 -0.53
C ALA A 16 14.83 19.98 -1.53
N GLY A 17 13.94 20.89 -1.10
CA GLY A 17 13.47 22.03 -1.88
C GLY A 17 12.56 21.71 -3.06
N GLN A 18 12.28 20.43 -3.28
CA GLN A 18 11.49 19.99 -4.43
C GLN A 18 10.09 19.57 -3.99
N LEU A 19 9.11 19.90 -4.82
CA LEU A 19 7.72 19.52 -4.54
C LEU A 19 7.31 18.33 -5.36
N MET A 20 6.48 17.48 -4.79
CA MET A 20 5.95 16.30 -5.51
C MET A 20 4.72 15.80 -4.79
N GLU A 21 3.97 14.91 -5.43
CA GLU A 21 2.85 14.26 -4.75
C GLU A 21 3.28 12.83 -4.49
N ALA A 22 2.82 12.28 -3.38
CA ALA A 22 3.21 10.91 -3.03
C ALA A 22 2.02 10.23 -2.43
N LEU A 23 1.94 8.91 -2.62
CA LEU A 23 0.84 8.14 -2.14
C LEU A 23 1.05 7.75 -0.67
N LEU A 24 0.06 8.03 0.18
CA LEU A 24 0.07 7.52 1.57
C LEU A 24 -0.25 6.03 1.53
N ASP A 25 0.73 5.18 1.85
CA ASP A 25 0.61 3.75 1.54
C ASP A 25 0.86 2.89 2.76
N THR A 26 -0.21 2.38 3.37
CA THR A 26 -0.10 1.56 4.57
C THR A 26 0.50 0.18 4.25
N GLY A 27 0.49 -0.19 2.96
CA GLY A 27 1.07 -1.46 2.54
C GLY A 27 2.56 -1.39 2.26
N ALA A 28 3.17 -0.22 2.48
CA ALA A 28 4.60 -0.02 2.25
C ALA A 28 5.35 0.11 3.57
N ASP A 29 6.41 -0.67 3.76
CA ASP A 29 7.23 -0.59 4.96
C ASP A 29 8.06 0.71 4.92
N ASP A 30 8.46 1.05 3.71
CA ASP A 30 9.49 2.06 3.44
C ASP A 30 8.95 3.11 2.48
N THR A 31 9.65 4.25 2.40
CA THR A 31 9.25 5.36 1.55
C THR A 31 10.15 5.33 0.33
N ILE A 32 9.55 5.43 -0.84
CA ILE A 32 10.33 5.42 -2.08
C ILE A 32 9.88 6.53 -3.01
N LEU A 33 10.87 7.23 -3.54
CA LEU A 33 10.68 8.31 -4.51
C LEU A 33 11.21 7.97 -5.89
N GLU A 34 10.61 8.61 -6.89
CA GLU A 34 10.92 8.36 -8.31
C GLU A 34 12.40 8.60 -8.69
N GLU A 35 12.79 7.97 -9.81
CA GLU A 35 14.17 7.90 -10.29
C GLU A 35 14.82 9.27 -10.46
N GLU A 36 14.00 10.25 -10.86
CA GLU A 36 14.48 11.60 -11.14
C GLU A 36 14.66 12.45 -9.89
N MET A 37 14.35 11.90 -8.73
CA MET A 37 14.54 12.61 -7.47
C MET A 37 16.03 12.76 -7.17
N SER A 38 16.46 13.99 -6.93
CA SER A 38 17.88 14.24 -6.65
C SER A 38 18.12 14.53 -5.18
N LEU A 39 18.73 13.58 -4.48
CA LEU A 39 19.14 13.79 -3.11
C LEU A 39 20.66 13.87 -3.03
N PRO A 40 21.18 14.82 -2.24
CA PRO A 40 22.63 14.96 -2.17
C PRO A 40 23.28 13.97 -1.19
N GLY A 41 24.58 13.75 -1.35
CA GLY A 41 25.35 12.97 -0.38
C GLY A 41 25.36 11.47 -0.61
N ARG A 42 25.92 10.75 0.36
CA ARG A 42 26.13 9.31 0.27
C ARG A 42 24.84 8.55 0.43
N TRP A 43 24.83 7.35 -0.11
CA TRP A 43 23.67 6.48 -0.05
C TRP A 43 24.18 5.05 0.04
N THR A 44 23.28 4.11 0.36
CA THR A 44 23.68 2.70 0.44
C THR A 44 22.78 1.85 -0.46
N PRO A 45 23.37 0.87 -1.17
CA PRO A 45 22.55 0.06 -2.09
C PRO A 45 21.54 -0.77 -1.34
N LYS A 46 20.32 -0.85 -1.88
CA LYS A 46 19.28 -1.68 -1.31
C LYS A 46 18.48 -2.24 -2.46
N VAL A 47 17.79 -3.34 -2.22
CA VAL A 47 16.86 -3.89 -3.21
C VAL A 47 15.48 -3.97 -2.57
N VAL A 48 14.47 -3.51 -3.29
CA VAL A 48 13.08 -3.56 -2.83
C VAL A 48 12.26 -4.53 -3.68
N GLY A 49 11.42 -5.33 -3.02
CA GLY A 49 10.56 -6.25 -3.74
C GLY A 49 9.10 -5.91 -3.60
N GLY A 50 8.43 -5.71 -4.73
CA GLY A 50 6.98 -5.51 -4.71
C GLY A 50 6.25 -6.61 -5.46
N ILE A 51 5.07 -6.27 -5.96
CA ILE A 51 4.34 -7.13 -6.89
C ILE A 51 5.00 -6.94 -8.24
N GLY A 52 5.35 -8.03 -8.90
CA GLY A 52 6.11 -7.95 -10.14
C GLY A 52 7.54 -8.43 -10.03
N GLY A 53 8.17 -8.18 -8.88
CA GLY A 53 9.56 -8.60 -8.68
C GLY A 53 10.31 -7.62 -7.79
N PHE A 54 11.58 -7.41 -8.09
CA PHE A 54 12.45 -6.57 -7.27
C PHE A 54 13.06 -5.45 -8.10
N MET A 55 13.50 -4.40 -7.43
CA MET A 55 14.28 -3.33 -8.06
C MET A 55 15.37 -2.77 -7.16
N LYS A 56 16.49 -2.39 -7.78
CA LYS A 56 17.61 -1.79 -7.06
C LYS A 56 17.29 -0.34 -6.75
N VAL A 57 17.60 0.08 -5.53
CA VAL A 57 17.32 1.45 -5.10
C VAL A 57 18.53 2.00 -4.34
N ARG A 58 18.50 3.31 -4.08
CA ARG A 58 19.51 4.01 -3.28
C ARG A 58 18.88 4.35 -1.93
N GLN A 59 19.52 4.00 -0.83
CA GLN A 59 18.95 4.32 0.47
C GLN A 59 19.65 5.55 1.03
N TYR A 60 18.87 6.60 1.29
CA TYR A 60 19.35 7.85 1.92
C TYR A 60 18.81 7.94 3.35
N ASP A 61 19.71 8.15 4.30
CA ASP A 61 19.31 8.23 5.70
C ASP A 61 19.06 9.68 6.10
N GLN A 62 18.29 9.86 7.16
CA GLN A 62 18.10 11.17 7.79
C GLN A 62 17.71 12.27 6.80
N ILE A 63 16.72 11.96 5.97
CA ILE A 63 16.19 12.95 5.02
C ILE A 63 15.01 13.66 5.63
N LEU A 64 15.01 14.99 5.57
CA LEU A 64 13.88 15.80 5.99
C LEU A 64 12.74 15.77 4.94
N VAL A 65 11.54 15.41 5.38
CA VAL A 65 10.36 15.37 4.52
C VAL A 65 9.28 16.21 5.15
N GLU A 66 8.70 17.10 4.36
CA GLU A 66 7.61 17.90 4.84
C GLU A 66 6.34 17.32 4.21
N ILE A 67 5.48 16.72 5.03
CA ILE A 67 4.32 15.95 4.51
C ILE A 67 3.08 16.65 4.99
N CYS A 68 2.32 17.21 4.04
CA CYS A 68 1.24 18.14 4.33
C CYS A 68 1.69 19.18 5.36
N GLY A 69 2.87 19.76 5.12
CA GLY A 69 3.44 20.74 6.05
C GLY A 69 4.12 20.22 7.32
N HIS A 70 3.69 19.04 7.83
CA HIS A 70 4.30 18.37 9.00
CA HIS A 70 4.31 18.43 9.00
C HIS A 70 5.75 18.03 8.66
N LYS A 71 6.69 18.28 9.57
CA LYS A 71 8.09 17.93 9.29
C LYS A 71 8.51 16.64 9.99
N VAL A 72 9.06 15.70 9.21
CA VAL A 72 9.56 14.41 9.73
C VAL A 72 10.91 14.10 9.12
N ILE A 73 11.64 13.19 9.73
CA ILE A 73 12.97 12.83 9.24
C ILE A 73 13.03 11.31 9.22
N GLY A 74 13.49 10.76 8.11
CA GLY A 74 13.65 9.31 8.07
C GLY A 74 14.41 8.87 6.84
N THR A 75 14.47 7.57 6.66
CA THR A 75 15.12 6.99 5.51
C THR A 75 14.20 7.12 4.30
N VAL A 76 14.78 7.50 3.18
CA VAL A 76 14.07 7.60 1.92
C VAL A 76 14.83 6.80 0.86
N LEU A 77 14.11 5.92 0.15
CA LEU A 77 14.68 5.18 -0.96
C LEU A 77 14.42 5.92 -2.26
N VAL A 78 15.35 5.84 -3.20
CA VAL A 78 15.17 6.42 -4.50
C VAL A 78 15.46 5.36 -5.56
N GLY A 79 14.50 5.13 -6.45
CA GLY A 79 14.68 4.18 -7.55
C GLY A 79 13.58 4.30 -8.59
N PRO A 80 13.55 3.37 -9.57
CA PRO A 80 12.60 3.43 -10.68
C PRO A 80 11.18 2.95 -10.31
N THR A 81 10.62 3.51 -9.25
CA THR A 81 9.22 3.28 -8.86
C THR A 81 8.28 4.04 -9.78
N PRO A 82 7.10 3.46 -10.09
CA PRO A 82 6.05 4.16 -10.88
C PRO A 82 5.39 5.35 -10.17
N ALA A 83 5.42 5.36 -8.84
CA ALA A 83 4.85 6.47 -8.07
C ALA A 83 5.69 6.70 -6.82
N ASN A 84 5.75 7.96 -6.37
CA ASN A 84 6.29 8.30 -5.06
C ASN A 84 5.36 7.72 -4.01
N ILE A 85 5.95 7.04 -3.03
CA ILE A 85 5.21 6.32 -1.99
C ILE A 85 5.72 6.70 -0.59
N ILE A 86 4.80 7.08 0.29
CA ILE A 86 5.13 7.39 1.69
C ILE A 86 4.76 6.14 2.47
N GLY A 87 5.78 5.47 2.98
CA GLY A 87 5.54 4.19 3.70
C GLY A 87 5.47 4.38 5.21
N ARG A 88 5.26 3.28 5.93
CA ARG A 88 4.97 3.33 7.36
C ARG A 88 6.11 3.96 8.16
N ASN A 89 7.34 3.89 7.66
CA ASN A 89 8.48 4.54 8.38
C ASN A 89 8.27 6.05 8.63
N LEU A 90 7.55 6.71 7.72
CA LEU A 90 7.16 8.10 7.87
C LEU A 90 5.71 8.30 8.33
N LEU A 91 4.82 7.38 7.96
CA LEU A 91 3.42 7.53 8.35
C LEU A 91 3.30 7.55 9.88
N THR A 92 4.14 6.77 10.55
CA THR A 92 4.09 6.73 12.02
C THR A 92 4.48 8.08 12.62
N GLN A 93 5.35 8.83 11.92
CA GLN A 93 5.83 10.11 12.45
CA GLN A 93 5.85 10.13 12.40
C GLN A 93 4.81 11.24 12.30
N ILE A 94 3.88 11.08 11.38
CA ILE A 94 2.78 12.04 11.26
C ILE A 94 1.52 11.62 12.03
N GLY A 95 1.63 10.60 12.88
CA GLY A 95 0.50 10.11 13.69
C GLY A 95 -0.62 9.50 12.86
N CYS A 96 -0.27 8.90 11.74
CA CYS A 96 -1.25 8.33 10.82
C CYS A 96 -1.84 7.03 11.33
N THR A 97 -3.19 6.94 11.37
CA THR A 97 -3.88 5.72 11.77
C THR A 97 -4.90 5.30 10.69
N LEU A 98 -5.22 4.01 10.67
CA LEU A 98 -6.33 3.53 9.85
C LEU A 98 -7.53 3.43 10.78
N ASN A 99 -8.68 3.84 10.30
CA ASN A 99 -9.87 3.82 11.15
C ASN A 99 -11.01 3.23 10.38
N PHE A 100 -11.80 2.38 11.03
CA PHE A 100 -13.07 1.93 10.46
C PHE A 100 -13.95 1.22 11.48
N PRO B 1 -12.35 -0.32 14.78
CA PRO B 1 -11.12 0.01 15.49
C PRO B 1 -10.27 1.11 14.85
N GLN B 2 -9.35 1.66 15.64
CA GLN B 2 -8.32 2.53 15.14
C GLN B 2 -7.03 1.74 15.24
N ILE B 3 -6.25 1.76 14.16
CA ILE B 3 -5.02 0.96 14.06
C ILE B 3 -3.80 1.86 13.80
N THR B 4 -2.77 1.78 14.65
CA THR B 4 -1.54 2.53 14.36
C THR B 4 -0.66 1.73 13.36
N LEU B 5 0.41 2.32 12.87
CA LEU B 5 1.16 1.74 11.76
C LEU B 5 2.62 1.40 12.12
N TRP B 6 2.88 1.21 13.40
CA TRP B 6 4.20 0.75 13.84
C TRP B 6 4.50 -0.66 13.34
N GLN B 7 3.46 -1.44 13.06
CA GLN B 7 3.58 -2.78 12.51
C GLN B 7 2.77 -2.86 11.23
N ARG B 8 3.02 -3.86 10.38
CA ARG B 8 2.18 -4.04 9.17
C ARG B 8 0.73 -4.26 9.56
N PRO B 9 -0.20 -3.54 8.91
CA PRO B 9 -1.63 -3.64 9.25
C PRO B 9 -2.35 -4.86 8.67
N PHE B 10 -2.04 -6.01 9.25
CA PHE B 10 -2.73 -7.25 8.88
C PHE B 10 -4.03 -7.44 9.65
N VAL B 11 -5.03 -7.98 8.95
CA VAL B 11 -6.31 -8.36 9.57
C VAL B 11 -6.71 -9.75 9.08
N THR B 12 -7.59 -10.40 9.82
CA THR B 12 -8.00 -11.74 9.44
C THR B 12 -9.21 -11.58 8.55
N VAL B 13 -9.23 -12.33 7.45
CA VAL B 13 -10.37 -12.31 6.55
CA VAL B 13 -10.32 -12.31 6.51
C VAL B 13 -10.82 -13.74 6.25
N LYS B 14 -12.09 -13.87 5.93
CA LYS B 14 -12.65 -15.16 5.53
C LYS B 14 -13.28 -15.01 4.17
N ILE B 15 -12.85 -15.84 3.24
CA ILE B 15 -13.30 -15.79 1.85
C ILE B 15 -13.48 -17.22 1.38
N ALA B 16 -14.71 -17.56 0.96
CA ALA B 16 -15.05 -18.85 0.40
C ALA B 16 -14.64 -19.97 1.35
N GLY B 17 -15.07 -19.81 2.60
CA GLY B 17 -14.82 -20.71 3.72
C GLY B 17 -13.39 -20.82 4.22
N GLN B 18 -12.48 -20.04 3.62
CA GLN B 18 -11.06 -20.13 3.94
C GLN B 18 -10.62 -18.92 4.75
N LEU B 19 -9.74 -19.15 5.73
CA LEU B 19 -9.23 -18.05 6.54
C LEU B 19 -7.83 -17.68 6.10
N MET B 20 -7.53 -16.40 6.16
CA MET B 20 -6.18 -15.90 5.84
C MET B 20 -5.97 -14.54 6.49
N GLU B 21 -4.73 -14.07 6.50
CA GLU B 21 -4.49 -12.70 6.93
C GLU B 21 -4.17 -11.91 5.68
N ALA B 22 -4.53 -10.63 5.69
CA ALA B 22 -4.31 -9.78 4.51
C ALA B 22 -3.95 -8.40 4.97
N LEU B 23 -3.11 -7.73 4.19
CA LEU B 23 -2.64 -6.42 4.52
C LEU B 23 -3.68 -5.34 4.13
N LEU B 24 -4.08 -4.47 5.06
CA LEU B 24 -4.90 -3.29 4.71
C LEU B 24 -3.98 -2.28 4.01
N ASP B 25 -4.19 -2.08 2.72
CA ASP B 25 -3.21 -1.38 1.89
C ASP B 25 -3.82 -0.22 1.14
N THR B 26 -3.62 0.99 1.63
CA THR B 26 -4.17 2.19 0.99
C THR B 26 -3.50 2.49 -0.35
N GLY B 27 -2.31 1.89 -0.58
CA GLY B 27 -1.58 2.09 -1.82
C GLY B 27 -2.00 1.16 -2.93
N ALA B 28 -3.00 0.32 -2.66
CA ALA B 28 -3.50 -0.65 -3.63
C ALA B 28 -4.90 -0.31 -4.10
N ASP B 29 -5.08 -0.23 -5.42
CA ASP B 29 -6.39 0.08 -5.97
C ASP B 29 -7.32 -1.10 -5.80
N ASP B 30 -6.74 -2.30 -5.87
CA ASP B 30 -7.46 -3.57 -6.02
C ASP B 30 -7.01 -4.54 -4.94
N THR B 31 -7.78 -5.62 -4.78
CA THR B 31 -7.52 -6.60 -3.75
C THR B 31 -6.93 -7.81 -4.44
N ILE B 32 -5.85 -8.34 -3.90
CA ILE B 32 -5.22 -9.49 -4.51
C ILE B 32 -4.85 -10.54 -3.45
N LEU B 33 -5.21 -11.77 -3.76
CA LEU B 33 -4.91 -12.92 -2.91
C LEU B 33 -3.87 -13.87 -3.51
N GLU B 34 -3.16 -14.57 -2.64
CA GLU B 34 -2.06 -15.47 -3.03
C GLU B 34 -2.47 -16.60 -4.00
N GLU B 35 -1.48 -17.15 -4.70
CA GLU B 35 -1.70 -18.07 -5.83
C GLU B 35 -2.45 -19.34 -5.41
N GLU B 36 -2.28 -19.72 -4.15
CA GLU B 36 -2.90 -20.95 -3.61
C GLU B 36 -4.37 -20.76 -3.25
N MET B 37 -4.88 -19.54 -3.39
CA MET B 37 -6.28 -19.27 -3.07
C MET B 37 -7.19 -19.88 -4.14
N SER B 38 -8.17 -20.65 -3.70
CA SER B 38 -9.06 -21.33 -4.62
C SER B 38 -10.44 -20.69 -4.62
N LEU B 39 -10.74 -19.99 -5.72
CA LEU B 39 -12.06 -19.43 -5.93
C LEU B 39 -12.77 -20.18 -7.05
N PRO B 40 -14.06 -20.52 -6.83
CA PRO B 40 -14.81 -21.26 -7.84
C PRO B 40 -15.31 -20.39 -9.00
N GLY B 41 -15.59 -21.04 -10.13
CA GLY B 41 -16.25 -20.38 -11.27
C GLY B 41 -15.36 -19.59 -12.22
N ARG B 42 -16.03 -18.92 -13.15
CA ARG B 42 -15.45 -18.11 -14.22
C ARG B 42 -14.58 -16.98 -13.69
N TRP B 43 -13.54 -16.64 -14.45
CA TRP B 43 -12.68 -15.50 -14.12
C TRP B 43 -12.22 -14.82 -15.41
N THR B 44 -11.67 -13.61 -15.30
CA THR B 44 -11.18 -12.91 -16.50
C THR B 44 -9.70 -12.55 -16.34
N PRO B 45 -8.90 -12.70 -17.41
CA PRO B 45 -7.47 -12.41 -17.30
C PRO B 45 -7.23 -10.94 -17.06
N LYS B 46 -6.30 -10.65 -16.16
CA LYS B 46 -5.89 -9.28 -15.90
C LYS B 46 -4.39 -9.30 -15.63
N VAL B 47 -3.75 -8.14 -15.76
CA VAL B 47 -2.35 -7.99 -15.41
C VAL B 47 -2.23 -6.83 -14.43
N VAL B 48 -1.51 -7.05 -13.35
CA VAL B 48 -1.27 -6.03 -12.33
C VAL B 48 0.20 -5.61 -12.32
N GLY B 49 0.44 -4.30 -12.22
CA GLY B 49 1.80 -3.79 -12.13
C GLY B 49 2.11 -3.20 -10.78
N GLY B 50 3.16 -3.69 -10.12
CA GLY B 50 3.63 -3.08 -8.90
C GLY B 50 5.05 -2.57 -9.00
N ILE B 51 5.72 -2.49 -7.86
CA ILE B 51 7.15 -2.22 -7.85
C ILE B 51 7.83 -3.53 -8.24
N GLY B 52 8.75 -3.47 -9.20
CA GLY B 52 9.35 -4.69 -9.72
C GLY B 52 8.91 -5.02 -11.13
N GLY B 53 7.65 -4.77 -11.45
CA GLY B 53 7.13 -5.06 -12.78
C GLY B 53 5.67 -5.46 -12.74
N PHE B 54 5.28 -6.39 -13.59
CA PHE B 54 3.89 -6.80 -13.74
C PHE B 54 3.71 -8.29 -13.48
N MET B 55 2.50 -8.70 -13.13
CA MET B 55 2.16 -10.12 -13.07
C MET B 55 0.75 -10.42 -13.55
N LYS B 56 0.59 -11.58 -14.15
CA LYS B 56 -0.70 -12.04 -14.65
C LYS B 56 -1.54 -12.54 -13.48
N VAL B 57 -2.80 -12.16 -13.47
CA VAL B 57 -3.71 -12.53 -12.39
C VAL B 57 -5.06 -13.00 -12.97
N ARG B 58 -5.89 -13.60 -12.12
CA ARG B 58 -7.25 -13.96 -12.45
C ARG B 58 -8.18 -12.96 -11.75
N GLN B 59 -9.13 -12.40 -12.49
CA GLN B 59 -10.08 -11.50 -11.86
C GLN B 59 -11.40 -12.21 -11.60
N TYR B 60 -11.82 -12.24 -10.34
CA TYR B 60 -13.08 -12.84 -9.93
C TYR B 60 -14.02 -11.73 -9.46
N ASP B 61 -15.22 -11.69 -10.01
CA ASP B 61 -16.17 -10.66 -9.66
C ASP B 61 -17.10 -11.12 -8.54
N GLN B 62 -17.69 -10.16 -7.83
CA GLN B 62 -18.76 -10.43 -6.87
C GLN B 62 -18.37 -11.51 -5.88
N ILE B 63 -17.18 -11.36 -5.29
CA ILE B 63 -16.73 -12.28 -4.24
C ILE B 63 -17.07 -11.73 -2.88
N LEU B 64 -17.66 -12.57 -2.03
CA LEU B 64 -17.95 -12.18 -0.67
C LEU B 64 -16.69 -12.31 0.22
N VAL B 65 -16.36 -11.22 0.90
CA VAL B 65 -15.19 -11.16 1.77
C VAL B 65 -15.65 -10.70 3.15
N GLU B 66 -15.26 -11.45 4.17
CA GLU B 66 -15.59 -11.08 5.53
C GLU B 66 -14.30 -10.51 6.13
N ILE B 67 -14.28 -9.19 6.39
CA ILE B 67 -13.03 -8.51 6.79
C ILE B 67 -13.21 -7.98 8.19
N CYS B 68 -12.47 -8.56 9.15
CA CYS B 68 -12.74 -8.33 10.58
C CYS B 68 -14.23 -8.56 10.90
N GLY B 69 -14.80 -9.62 10.33
CA GLY B 69 -16.23 -9.87 10.53
C GLY B 69 -17.24 -9.09 9.67
N HIS B 70 -16.87 -7.86 9.27
N HIS B 70 -16.87 -7.89 9.22
CA HIS B 70 -17.67 -7.06 8.32
CA HIS B 70 -17.72 -7.06 8.34
C HIS B 70 -17.90 -7.91 7.06
C HIS B 70 -17.83 -7.66 6.93
N LYS B 71 -19.06 -7.83 6.43
CA LYS B 71 -19.25 -8.50 5.12
C LYS B 71 -19.28 -7.50 3.97
N VAL B 72 -18.41 -7.72 2.98
CA VAL B 72 -18.38 -6.87 1.77
C VAL B 72 -18.30 -7.73 0.51
N ILE B 73 -18.62 -7.14 -0.63
CA ILE B 73 -18.65 -7.91 -1.88
C ILE B 73 -17.91 -7.09 -2.92
N GLY B 74 -16.98 -7.71 -3.60
CA GLY B 74 -16.24 -6.96 -4.61
C GLY B 74 -15.40 -7.85 -5.49
N THR B 75 -14.66 -7.23 -6.38
CA THR B 75 -13.75 -7.93 -7.24
C THR B 75 -12.50 -8.32 -6.45
N VAL B 76 -12.06 -9.56 -6.66
CA VAL B 76 -10.85 -10.08 -6.04
C VAL B 76 -9.94 -10.65 -7.13
N LEU B 77 -8.68 -10.26 -7.09
CA LEU B 77 -7.68 -10.80 -8.00
C LEU B 77 -6.94 -11.95 -7.30
N VAL B 78 -6.59 -12.97 -8.06
CA VAL B 78 -5.74 -14.04 -7.53
C VAL B 78 -4.53 -14.22 -8.42
N GLY B 79 -3.34 -14.19 -7.82
CA GLY B 79 -2.11 -14.40 -8.57
C GLY B 79 -0.92 -14.60 -7.65
N PRO B 80 0.29 -14.68 -8.22
CA PRO B 80 1.51 -14.92 -7.44
C PRO B 80 2.03 -13.70 -6.65
N THR B 81 1.17 -13.08 -5.86
CA THR B 81 1.56 -12.00 -4.94
C THR B 81 2.27 -12.58 -3.71
N PRO B 82 3.28 -11.87 -3.18
CA PRO B 82 3.96 -12.26 -1.94
C PRO B 82 3.08 -12.19 -0.67
N ALA B 83 2.04 -11.35 -0.68
CA ALA B 83 1.12 -11.25 0.46
C ALA B 83 -0.28 -10.98 -0.06
N ASN B 84 -1.28 -11.44 0.70
CA ASN B 84 -2.67 -11.08 0.47
C ASN B 84 -2.83 -9.60 0.80
N ILE B 85 -3.49 -8.86 -0.10
CA ILE B 85 -3.64 -7.42 0.04
C ILE B 85 -5.10 -7.01 -0.13
N ILE B 86 -5.63 -6.24 0.84
CA ILE B 86 -6.97 -5.66 0.75
C ILE B 86 -6.79 -4.25 0.22
N GLY B 87 -7.22 -4.01 -1.01
CA GLY B 87 -7.06 -2.69 -1.63
C GLY B 87 -8.29 -1.79 -1.46
N ARG B 88 -8.22 -0.60 -2.05
CA ARG B 88 -9.24 0.42 -1.77
C ARG B 88 -10.64 0.00 -2.23
N ASN B 89 -10.71 -0.89 -3.22
CA ASN B 89 -12.06 -1.36 -3.70
C ASN B 89 -12.92 -1.97 -2.57
N LEU B 90 -12.24 -2.60 -1.62
CA LEU B 90 -12.88 -3.18 -0.44
C LEU B 90 -12.75 -2.28 0.80
N LEU B 91 -11.66 -1.51 0.89
CA LEU B 91 -11.48 -0.66 2.08
C LEU B 91 -12.59 0.39 2.17
N THR B 92 -13.03 0.91 1.02
CA THR B 92 -14.15 1.84 1.02
C THR B 92 -15.44 1.23 1.60
N GLN B 93 -15.62 -0.09 1.40
CA GLN B 93 -16.86 -0.73 1.85
CA GLN B 93 -16.84 -0.81 1.85
C GLN B 93 -16.89 -1.00 3.35
N ILE B 94 -15.72 -1.00 3.99
CA ILE B 94 -15.69 -1.10 5.44
C ILE B 94 -15.56 0.25 6.14
N GLY B 95 -15.75 1.34 5.40
CA GLY B 95 -15.67 2.69 5.94
C GLY B 95 -14.28 3.09 6.43
N CYS B 96 -13.26 2.54 5.79
CA CYS B 96 -11.87 2.78 6.16
C CYS B 96 -11.39 4.17 5.78
N THR B 97 -10.83 4.90 6.76
CA THR B 97 -10.26 6.22 6.51
C THR B 97 -8.82 6.27 7.04
N LEU B 98 -8.02 7.18 6.48
CA LEU B 98 -6.71 7.49 7.04
C LEU B 98 -6.92 8.74 7.87
N ASN B 99 -6.29 8.78 9.03
CA ASN B 99 -6.44 9.93 9.92
C ASN B 99 -5.07 10.33 10.42
N PHE B 100 -4.83 11.63 10.49
CA PHE B 100 -3.63 12.16 11.13
C PHE B 100 -3.72 13.66 11.39
C1 GOL C . 8.14 1.02 9.42
O1 GOL C . 8.89 0.34 8.43
C2 GOL C . 8.46 0.44 10.80
O2 GOL C . 8.02 -0.90 10.85
C3 GOL C . 7.79 1.25 11.90
O3 GOL C . 7.98 0.58 13.13
C1 AB1 D . 9.14 -4.90 1.41
C1 AB1 D . -2.26 -0.57 -10.22
C2 AB1 D . 8.42 -3.53 -0.60
C2 AB1 D . -1.10 -2.31 -8.78
N1 AB1 D . 7.32 -3.06 0.25
N1 AB1 D . -1.53 -1.50 -7.65
C3 AB1 D . 7.14 -3.41 1.52
C3 AB1 D . -2.27 -0.40 -7.74
N2 AB1 D . 7.89 -4.41 1.99
N2 AB1 D . -2.45 0.12 -8.95
C4 AB1 D . 2.52 0.61 -5.17
C4 AB1 D . 2.74 -4.74 -1.57
C5 AB1 D . 1.66 1.59 -5.66
C5 AB1 D . 3.00 -5.19 -0.28
C6 AB1 D . 1.70 1.96 -7.01
C6 AB1 D . 3.85 -6.28 -0.07
C7 AB1 D . 2.61 1.33 -7.88
C7 AB1 D . 4.43 -6.93 -1.16
C8 AB1 D . 3.49 0.36 -7.37
C8 AB1 D . 4.17 -6.48 -2.46
C9 AB1 D . 3.43 -0.01 -6.02
C9 AB1 D . 3.32 -5.39 -2.66
O1 AB1 D . 6.34 -2.86 2.24
O1 AB1 D . -2.75 0.16 -6.78
C10 AB1 D . 6.39 -2.13 -0.43
C10 AB1 D . -1.11 -2.03 -6.33
C11 AB1 D . 5.47 -2.87 -1.38
C11 AB1 D . 0.36 -1.75 -6.08
N3 AB1 D . 4.25 -3.13 -0.88
N3 AB1 D . 0.58 -0.67 -5.32
C12 AB1 D . 3.21 -3.83 -1.63
C12 AB1 D . 1.94 -0.21 -4.98
C13 AB1 D . 7.16 -0.97 -1.07
C13 AB1 D . -1.52 -3.51 -6.17
C14 AB1 D . 6.25 -0.03 -1.87
C14 AB1 D . -1.02 -4.12 -4.86
C15 AB1 D . 7.92 -0.12 -0.04
C15 AB1 D . -3.03 -3.73 -6.25
O2 AB1 D . 5.82 -3.20 -2.52
O2 AB1 D . 1.26 -2.44 -6.58
C16 AB1 D . 5.70 -7.54 -1.65
C16 AB1 D . 2.76 0.72 -9.27
C17 AB1 D . 6.19 -7.83 -0.38
C17 AB1 D . 1.73 1.47 -9.83
C18 AB1 D . 5.60 -7.22 0.74
C18 AB1 D . 0.81 2.12 -9.00
C19 AB1 D . 4.54 -6.34 0.57
C19 AB1 D . 0.95 2.02 -7.61
C20 AB1 D . 4.06 -6.05 -0.70
C20 AB1 D . 1.99 1.28 -7.05
C21 AB1 D . 4.64 -6.66 -1.82
C21 AB1 D . 2.89 0.63 -7.88
C22 AB1 D . 2.89 -5.10 -0.84
C22 AB1 D . 2.10 1.19 -5.54
C23 AB1 D . 1.96 -2.97 -1.55
C23 AB1 D . 1.95 -0.05 -3.46
C24 AB1 D . 2.13 -1.51 -1.95
C24 AB1 D . 1.47 -1.26 -2.66
C25 AB1 D . 2.41 -1.26 -3.43
C25 AB1 D . 2.38 -2.48 -2.70
N4 AB1 D . 1.28 -1.74 -4.21
N4 AB1 D . 3.67 -2.15 -2.11
C26 AB1 D . 1.43 -2.78 -5.03
C26 AB1 D . 4.75 -2.14 -2.90
C27 AB1 D . 0.25 -3.26 -5.85
C27 AB1 D . 6.09 -1.80 -2.30
O3 AB1 D . -0.93 -2.47 -5.63
O3 AB1 D . 6.02 -1.51 -0.89
C28 AB1 D . -1.91 -2.43 -6.60
C28 AB1 D . 7.15 -1.68 -0.11
O4 AB1 D . 0.96 -0.80 -1.57
O4 AB1 D . 1.30 -0.84 -1.31
C29 AB1 D . 2.44 0.25 -3.70
C29 AB1 D . 1.81 -3.56 -1.78
O5 AB1 D . 2.49 -3.38 -5.14
O5 AB1 D . 4.68 -2.39 -4.10
C30 AB1 D . -2.73 -3.54 -6.84
C30 AB1 D . 8.22 -0.78 -0.20
C31 AB1 D . -3.71 -3.47 -7.82
C31 AB1 D . 9.35 -0.97 0.60
C32 AB1 D . -3.89 -2.30 -8.57
C32 AB1 D . 9.41 -2.04 1.48
C33 AB1 D . -3.07 -1.20 -8.33
C33 AB1 D . 8.35 -2.94 1.56
C34 AB1 D . -2.08 -1.26 -7.36
C34 AB1 D . 7.22 -2.76 0.78
C35 AB1 D . -1.23 -0.04 -7.14
C35 AB1 D . 6.10 -3.76 0.91
C36 AB1 D . -2.61 -4.82 -6.07
C36 AB1 D . 8.21 0.41 -1.13
C37 AB1 D . 8.85 -4.90 -0.08
C37 AB1 D . -0.99 -1.38 -9.99
C1 GOL E . -11.68 1.19 -6.23
O1 GOL E . -10.36 0.84 -6.60
C2 GOL E . -11.71 2.63 -5.72
O2 GOL E . -11.19 3.51 -6.69
C3 GOL E . -13.13 3.03 -5.32
O3 GOL E . -13.50 4.22 -6.01
#